data_4B9L
#
_entry.id   4B9L
#
_cell.length_a   87.528
_cell.length_b   93.265
_cell.length_c   106.107
_cell.angle_alpha   90.00
_cell.angle_beta   90.00
_cell.angle_gamma   90.00
#
_symmetry.space_group_name_H-M   'P 21 21 21'
#
loop_
_entity.id
_entity.type
_entity.pdbx_description
1 polymer 'DNA POLYMERASE I'
2 polymer "5'-D(*GP*CP*CP*TP*GP*AP*CP*TP*CP*TP)-3'"
3 polymer "5'-D(*CP*AP*GP*FAX*AP*GP*AP*GP*TP*CP*AP*GP*GP*CP*TP)-3'"
4 branched beta-D-fructofuranose-(2-1)-alpha-D-glucopyranose
5 non-polymer 'MAGNESIUM ION'
6 non-polymer 'SULFATE ION'
7 water water
#
loop_
_entity_poly.entity_id
_entity_poly.type
_entity_poly.pdbx_seq_one_letter_code
_entity_poly.pdbx_strand_id
1 'polypeptide(L)'
;MASWSHPQFEKGASTSLYKKAGSAAAVLEENLYFQGSFTAKMAFTLADRVTEEMLADKAALVVEVVEENYHDAPIVGIAV
VNEHGRFFLRPETALADPQFVAWLGDETKKKSMFDSKRAAVALKWKGIELCGVSFDLLLAAYLLDPAQGVDDVAAAAKMK
QYEAVRPDEAVYGKGAKRAVPDEPVLAEHLVRKAAAIWALERPFLDELRRNEQDRLLVELEQPLSSILAEMEFAGVKVDT
KRLEQMGEELAEQLRTVEQRIYELAGQEFNINSPKQLGVILFEKLQLPVLKKSKTGYSTSADVLEKLAPYHEIVENILHY
RQLGKLQSTYIEGLLKVVRPDTKKVHTIFNQALTQTGRLSSTEPNLQNIPIRLEEGRKIRQAFVPSESDWLIFAADYSQI
ELRVLAHIAEDDNLMEAFRRDLDIHTKTAMDIFQVSEDEVTPNMRRQAKAVNFGIVYGISDYGLAQNLNISRKEAAEFIE
RYFESFPGVKRYMENIVQEAKQKGYVTTLLHRRRYLPDITSRNFNVRSFAERMAMNTPIQGSAADIIKKAMIDLNARLKE
ERLQARLLLQVHDELILEAPKEEMERLCRLVPEVMEQAVTLRVPLKVDYHYGSTWYDAK
;
A
2 'polydeoxyribonucleotide' (DG)(DC)(DC)(DT)(DG)(DA)(DC)(DT)(DC)(DT) B
3 'polydeoxyribonucleotide' (DC)(DA)(DG)(FAX)(DA)(DG)(DA)(DG)(DT)(DC)(DA)(DG)(DG)(DC)(DT) C
#
# COMPACT_ATOMS: atom_id res chain seq x y z
N ALA A 40 -38.40 10.22 -7.08
CA ALA A 40 -38.98 9.16 -6.27
C ALA A 40 -38.17 9.03 -4.98
N LYS A 41 -38.83 9.02 -3.84
CA LYS A 41 -38.19 9.30 -2.58
C LYS A 41 -38.43 8.19 -1.60
N MET A 42 -37.36 7.53 -1.18
CA MET A 42 -37.43 6.29 -0.45
C MET A 42 -38.01 6.51 0.94
N ALA A 43 -38.90 5.63 1.32
CA ALA A 43 -39.55 5.73 2.63
C ALA A 43 -38.60 5.39 3.77
N PHE A 44 -38.61 6.23 4.81
CA PHE A 44 -37.86 5.98 6.04
C PHE A 44 -38.37 6.84 7.19
N THR A 45 -38.07 6.41 8.40
CA THR A 45 -38.35 7.20 9.58
C THR A 45 -37.17 8.12 9.85
N LEU A 46 -37.45 9.42 9.86
CA LEU A 46 -36.47 10.39 10.31
C LEU A 46 -36.66 10.51 11.80
N ALA A 47 -35.92 9.70 12.54
CA ALA A 47 -36.08 9.54 13.99
C ALA A 47 -35.51 10.68 14.84
N ASP A 48 -36.16 11.04 15.92
CA ASP A 48 -35.52 11.96 16.85
C ASP A 48 -35.07 11.32 18.16
N ARG A 49 -35.42 10.07 18.35
CA ARG A 49 -34.87 9.30 19.43
C ARG A 49 -34.66 7.87 18.98
N VAL A 50 -33.72 7.19 19.60
CA VAL A 50 -33.43 5.78 19.32
C VAL A 50 -34.54 4.89 19.88
N THR A 51 -34.97 3.90 19.10
CA THR A 51 -35.92 2.90 19.60
C THR A 51 -35.36 1.48 19.48
N GLU A 52 -36.03 0.56 20.17
CA GLU A 52 -35.59 -0.82 20.25
C GLU A 52 -35.53 -1.49 18.88
N GLU A 53 -36.49 -1.17 18.02
CA GLU A 53 -36.55 -1.81 16.71
C GLU A 53 -35.39 -1.38 15.80
N MET A 54 -34.65 -0.35 16.20
CA MET A 54 -33.44 0.07 15.49
C MET A 54 -32.22 -0.75 15.91
N LEU A 55 -32.39 -1.57 16.95
CA LEU A 55 -31.29 -2.29 17.57
C LEU A 55 -31.40 -3.79 17.33
N ALA A 56 -32.04 -4.16 16.22
CA ALA A 56 -32.14 -5.57 15.81
C ALA A 56 -30.74 -6.16 15.65
N ASP A 57 -30.65 -7.48 15.68
CA ASP A 57 -29.32 -8.13 15.66
C ASP A 57 -28.73 -8.35 14.27
N LYS A 58 -29.38 -7.76 13.27
CA LYS A 58 -28.85 -7.75 11.89
C LYS A 58 -29.31 -6.48 11.22
N ALA A 59 -28.38 -5.73 10.66
CA ALA A 59 -28.73 -4.43 10.09
C ALA A 59 -27.67 -3.98 9.11
N ALA A 60 -28.09 -3.25 8.09
CA ALA A 60 -27.15 -2.42 7.35
C ALA A 60 -26.99 -1.11 8.12
N LEU A 61 -25.75 -0.65 8.26
CA LEU A 61 -25.45 0.54 9.04
C LEU A 61 -24.63 1.53 8.21
N VAL A 62 -25.06 2.78 8.19
CA VAL A 62 -24.25 3.85 7.62
C VAL A 62 -23.90 4.84 8.75
N VAL A 63 -22.60 5.03 8.96
CA VAL A 63 -22.11 6.05 9.87
C VAL A 63 -21.26 6.98 9.01
N GLU A 64 -21.83 8.10 8.59
CA GLU A 64 -21.27 8.85 7.46
C GLU A 64 -20.20 9.85 7.87
N VAL A 65 -19.06 9.79 7.19
CA VAL A 65 -17.96 10.69 7.47
C VAL A 65 -17.53 11.21 6.11
N VAL A 66 -17.73 12.50 5.90
CA VAL A 66 -17.64 13.07 4.57
C VAL A 66 -16.25 13.59 4.26
N GLU A 67 -15.59 14.10 5.29
CA GLU A 67 -14.17 14.47 5.20
C GLU A 67 -13.36 13.29 4.70
N GLU A 68 -12.56 13.49 3.65
CA GLU A 68 -11.73 12.43 3.09
C GLU A 68 -10.84 11.77 4.12
N ASN A 69 -10.16 12.61 4.89
CA ASN A 69 -9.39 12.13 6.03
C ASN A 69 -10.32 12.03 7.24
N TYR A 70 -10.65 10.81 7.64
CA TYR A 70 -11.61 10.61 8.72
C TYR A 70 -11.09 10.74 10.16
N HIS A 71 -9.79 11.01 10.32
CA HIS A 71 -9.21 11.09 11.66
C HIS A 71 -9.75 12.31 12.44
N ASP A 72 -10.43 12.04 13.57
CA ASP A 72 -11.03 13.08 14.42
C ASP A 72 -12.02 13.95 13.62
N ALA A 73 -12.71 13.33 12.66
CA ALA A 73 -13.61 14.05 11.74
C ALA A 73 -15.05 13.93 12.19
N PRO A 74 -15.90 14.87 11.74
CA PRO A 74 -17.32 14.75 12.12
C PRO A 74 -18.01 13.58 11.48
N ILE A 75 -18.95 13.01 12.23
CA ILE A 75 -19.92 12.06 11.68
C ILE A 75 -21.20 12.86 11.38
N VAL A 76 -21.64 12.89 10.13
CA VAL A 76 -22.73 13.82 9.76
C VAL A 76 -24.14 13.25 9.79
N GLY A 77 -24.26 11.95 9.99
CA GLY A 77 -25.54 11.28 9.99
C GLY A 77 -25.38 9.79 10.10
N ILE A 78 -26.45 9.13 10.50
CA ILE A 78 -26.44 7.69 10.68
C ILE A 78 -27.73 7.13 10.05
N ALA A 79 -27.64 6.00 9.36
CA ALA A 79 -28.81 5.33 8.86
C ALA A 79 -28.71 3.85 9.20
N VAL A 80 -29.85 3.27 9.55
CA VAL A 80 -29.95 1.86 9.86
C VAL A 80 -31.08 1.32 9.00
N VAL A 81 -30.82 0.23 8.29
CA VAL A 81 -31.88 -0.52 7.64
C VAL A 81 -31.81 -1.94 8.19
N ASN A 82 -32.96 -2.41 8.66
CA ASN A 82 -33.11 -3.77 9.14
C ASN A 82 -34.51 -4.32 8.84
N GLU A 83 -34.87 -5.42 9.50
CA GLU A 83 -36.12 -6.11 9.20
C GLU A 83 -37.33 -5.24 9.51
N HIS A 84 -37.17 -4.33 10.46
CA HIS A 84 -38.28 -3.51 10.95
C HIS A 84 -38.47 -2.23 10.15
N GLY A 85 -37.50 -1.89 9.30
CA GLY A 85 -37.65 -0.73 8.44
C GLY A 85 -36.36 0.02 8.14
N ARG A 86 -36.48 1.30 7.79
CA ARG A 86 -35.35 2.17 7.46
C ARG A 86 -35.33 3.38 8.38
N PHE A 87 -34.18 3.71 8.98
CA PHE A 87 -34.15 4.80 9.94
C PHE A 87 -33.01 5.76 9.64
N PHE A 88 -33.24 7.05 9.85
CA PHE A 88 -32.15 8.01 9.88
C PHE A 88 -32.08 8.62 11.27
N LEU A 89 -30.86 8.73 11.80
CA LEU A 89 -30.62 9.26 13.14
C LEU A 89 -29.62 10.38 13.04
N ARG A 90 -29.88 11.49 13.72
CA ARG A 90 -28.83 12.49 13.88
C ARG A 90 -27.76 11.96 14.83
N PRO A 91 -26.48 12.22 14.54
CA PRO A 91 -25.36 11.70 15.34
C PRO A 91 -25.33 12.22 16.77
N GLU A 92 -25.66 13.50 17.00
CA GLU A 92 -25.62 14.04 18.36
C GLU A 92 -26.64 13.32 19.24
N THR A 93 -27.68 12.79 18.59
CA THR A 93 -28.68 12.00 19.28
C THR A 93 -28.21 10.56 19.49
N ALA A 94 -27.86 9.89 18.40
CA ALA A 94 -27.57 8.46 18.46
C ALA A 94 -26.36 8.16 19.33
N LEU A 95 -25.32 8.95 19.17
CA LEU A 95 -24.05 8.69 19.82
C LEU A 95 -24.04 9.06 21.30
N ALA A 96 -25.10 9.73 21.76
CA ALA A 96 -25.23 10.05 23.17
C ALA A 96 -26.24 9.11 23.83
N ASP A 97 -26.79 8.19 23.04
CA ASP A 97 -27.74 7.21 23.57
C ASP A 97 -26.98 5.97 24.04
N PRO A 98 -27.15 5.60 25.31
CA PRO A 98 -26.41 4.44 25.85
C PRO A 98 -26.72 3.13 25.12
N GLN A 99 -27.99 2.93 24.73
CA GLN A 99 -28.42 1.71 24.07
C GLN A 99 -27.85 1.59 22.64
N PHE A 100 -27.84 2.71 21.93
CA PHE A 100 -27.26 2.74 20.60
C PHE A 100 -25.77 2.45 20.67
N VAL A 101 -25.06 3.15 21.54
CA VAL A 101 -23.63 2.89 21.75
C VAL A 101 -23.38 1.43 22.14
N ALA A 102 -24.23 0.91 23.02
CA ALA A 102 -24.09 -0.50 23.45
C ALA A 102 -24.30 -1.42 22.25
N TRP A 103 -25.27 -1.07 21.42
CA TRP A 103 -25.55 -1.85 20.21
C TRP A 103 -24.37 -1.78 19.23
N LEU A 104 -23.80 -0.59 19.09
CA LEU A 104 -22.64 -0.43 18.20
C LEU A 104 -21.53 -1.38 18.61
N GLY A 105 -21.25 -1.46 19.91
CA GLY A 105 -20.14 -2.25 20.41
C GLY A 105 -20.45 -3.70 20.73
N ASP A 106 -21.68 -4.13 20.48
CA ASP A 106 -22.04 -5.49 20.76
C ASP A 106 -21.70 -6.38 19.55
N GLU A 107 -20.71 -7.24 19.75
CA GLU A 107 -20.20 -8.14 18.71
C GLU A 107 -21.28 -9.07 18.14
N THR A 108 -22.30 -9.40 18.93
CA THR A 108 -23.34 -10.31 18.47
C THR A 108 -24.43 -9.62 17.65
N LYS A 109 -24.38 -8.28 17.58
CA LYS A 109 -25.32 -7.54 16.74
C LYS A 109 -24.63 -7.27 15.42
N LYS A 110 -25.05 -7.94 14.37
CA LYS A 110 -24.29 -7.92 13.13
C LYS A 110 -24.62 -6.74 12.22
N LYS A 111 -23.57 -6.11 11.69
CA LYS A 111 -23.75 -4.98 10.80
C LYS A 111 -23.12 -5.21 9.43
N SER A 112 -23.85 -4.82 8.40
CA SER A 112 -23.28 -4.77 7.05
C SER A 112 -23.04 -3.31 6.71
N MET A 113 -21.86 -3.02 6.18
CA MET A 113 -21.43 -1.64 6.00
C MET A 113 -20.66 -1.49 4.70
N PHE A 114 -20.36 -0.24 4.33
CA PHE A 114 -19.40 0.05 3.28
C PHE A 114 -18.25 0.87 3.86
N ASP A 115 -17.02 0.35 3.81
CA ASP A 115 -15.85 1.04 4.36
C ASP A 115 -15.99 1.19 5.88
N SER A 116 -16.10 0.06 6.54
CA SER A 116 -16.31 0.08 7.97
C SER A 116 -15.11 0.69 8.69
N LYS A 117 -13.92 0.65 8.07
CA LYS A 117 -12.76 1.21 8.78
C LYS A 117 -12.89 2.72 9.01
N ARG A 118 -13.36 3.42 7.99
CA ARG A 118 -13.71 4.84 8.09
C ARG A 118 -14.61 5.13 9.32
N ALA A 119 -15.73 4.42 9.44
CA ALA A 119 -16.63 4.60 10.59
C ALA A 119 -15.94 4.21 11.90
N ALA A 120 -15.24 3.08 11.89
CA ALA A 120 -14.63 2.58 13.11
C ALA A 120 -13.63 3.58 13.65
N VAL A 121 -12.83 4.14 12.75
CA VAL A 121 -11.83 5.11 13.18
C VAL A 121 -12.48 6.41 13.66
N ALA A 122 -13.44 6.94 12.91
CA ALA A 122 -14.11 8.18 13.32
C ALA A 122 -14.74 7.98 14.69
N LEU A 123 -15.28 6.79 14.91
CA LEU A 123 -15.89 6.44 16.21
C LEU A 123 -14.84 6.28 17.34
N LYS A 124 -13.70 5.63 17.07
CA LYS A 124 -12.58 5.60 18.03
C LYS A 124 -12.19 6.98 18.55
N TRP A 125 -12.09 7.98 17.66
CA TRP A 125 -11.76 9.35 18.09
C TRP A 125 -12.81 9.94 19.05
N LYS A 126 -14.04 9.42 18.99
CA LYS A 126 -15.10 9.85 19.89
C LYS A 126 -15.22 8.91 21.10
N GLY A 127 -14.31 7.95 21.20
CA GLY A 127 -14.29 7.03 22.33
C GLY A 127 -15.38 5.97 22.26
N ILE A 128 -15.79 5.62 21.05
CA ILE A 128 -16.84 4.64 20.86
C ILE A 128 -16.33 3.45 20.04
N GLU A 129 -16.62 2.24 20.52
CA GLU A 129 -16.20 1.03 19.84
C GLU A 129 -17.26 0.49 18.85
N LEU A 130 -16.84 0.22 17.61
CA LEU A 130 -17.69 -0.44 16.65
C LEU A 130 -17.30 -1.91 16.53
N CYS A 131 -18.23 -2.81 16.79
CA CYS A 131 -18.01 -4.25 16.67
C CYS A 131 -19.11 -4.91 15.84
N GLY A 132 -18.87 -6.16 15.47
CA GLY A 132 -19.92 -6.96 14.86
C GLY A 132 -20.13 -6.71 13.37
N VAL A 133 -19.20 -6.04 12.72
CA VAL A 133 -19.30 -5.82 11.30
C VAL A 133 -18.98 -7.13 10.59
N SER A 134 -20.00 -7.78 10.05
CA SER A 134 -19.82 -9.11 9.48
C SER A 134 -19.73 -9.08 7.97
N PHE A 135 -19.96 -7.91 7.38
CA PHE A 135 -19.87 -7.75 5.93
C PHE A 135 -19.51 -6.31 5.54
N ASP A 136 -18.41 -6.13 4.79
CA ASP A 136 -18.04 -4.81 4.30
C ASP A 136 -18.12 -4.81 2.75
N LEU A 137 -19.08 -4.07 2.20
CA LEU A 137 -19.33 -4.01 0.75
C LEU A 137 -18.13 -3.47 -0.03
N LEU A 138 -17.40 -2.51 0.55
CA LEU A 138 -16.19 -2.01 -0.13
C LEU A 138 -15.15 -3.13 -0.34
N LEU A 139 -14.92 -3.94 0.70
CA LEU A 139 -13.95 -5.00 0.60
C LEU A 139 -14.45 -6.13 -0.29
N ALA A 140 -15.75 -6.39 -0.24
CA ALA A 140 -16.36 -7.39 -1.11
C ALA A 140 -16.20 -6.98 -2.59
N ALA A 141 -16.57 -5.75 -2.92
CA ALA A 141 -16.40 -5.25 -4.28
C ALA A 141 -14.92 -5.35 -4.73
N TYR A 142 -14.02 -4.94 -3.84
CA TYR A 142 -12.58 -4.94 -4.15
C TYR A 142 -12.08 -6.34 -4.49
N LEU A 143 -12.50 -7.32 -3.72
CA LEU A 143 -12.08 -8.69 -3.98
C LEU A 143 -12.67 -9.22 -5.29
N LEU A 144 -13.92 -8.88 -5.59
CA LEU A 144 -14.56 -9.38 -6.80
C LEU A 144 -13.90 -8.80 -8.04
N ASP A 145 -13.52 -7.53 -8.00
CA ASP A 145 -12.79 -6.96 -9.14
C ASP A 145 -12.11 -5.67 -8.75
N PRO A 146 -10.80 -5.73 -8.42
CA PRO A 146 -10.08 -4.52 -8.01
C PRO A 146 -10.04 -3.45 -9.11
N ALA A 147 -10.21 -3.87 -10.36
CA ALA A 147 -10.11 -2.92 -11.47
C ALA A 147 -11.32 -2.01 -11.65
N GLN A 148 -12.46 -2.34 -11.02
CA GLN A 148 -13.62 -1.45 -11.08
C GLN A 148 -13.36 -0.11 -10.37
N GLY A 149 -12.39 -0.09 -9.46
CA GLY A 149 -12.09 1.10 -8.71
C GLY A 149 -13.29 1.55 -7.89
N VAL A 150 -13.98 0.60 -7.27
CA VAL A 150 -15.19 0.92 -6.49
C VAL A 150 -14.80 1.75 -5.27
N ASP A 151 -15.31 2.97 -5.19
CA ASP A 151 -15.03 3.81 -4.03
C ASP A 151 -16.28 4.46 -3.46
N ASP A 152 -17.45 4.05 -3.92
CA ASP A 152 -18.67 4.38 -3.20
C ASP A 152 -19.70 3.28 -3.36
N VAL A 153 -20.73 3.34 -2.52
CA VAL A 153 -21.80 2.35 -2.59
C VAL A 153 -22.40 2.26 -4.02
N ALA A 154 -22.63 3.42 -4.64
CA ALA A 154 -23.22 3.44 -5.97
C ALA A 154 -22.42 2.64 -7.01
N ALA A 155 -21.08 2.72 -6.94
CA ALA A 155 -20.23 1.97 -7.87
C ALA A 155 -20.28 0.46 -7.60
N ALA A 156 -20.33 0.07 -6.33
CA ALA A 156 -20.45 -1.35 -5.99
C ALA A 156 -21.80 -1.85 -6.45
N ALA A 157 -22.84 -1.06 -6.16
CA ALA A 157 -24.20 -1.40 -6.57
C ALA A 157 -24.36 -1.60 -8.07
N LYS A 158 -23.72 -0.74 -8.85
CA LYS A 158 -23.82 -0.84 -10.31
C LYS A 158 -23.33 -2.21 -10.82
N MET A 159 -22.40 -2.82 -10.08
CA MET A 159 -21.88 -4.16 -10.42
C MET A 159 -22.98 -5.21 -10.50
N LYS A 160 -24.05 -5.03 -9.73
CA LYS A 160 -25.17 -5.96 -9.74
C LYS A 160 -26.46 -5.34 -10.27
N GLN A 161 -26.36 -4.38 -11.19
CA GLN A 161 -27.55 -3.77 -11.83
C GLN A 161 -28.49 -3.12 -10.79
N TYR A 162 -27.91 -2.63 -9.70
CA TYR A 162 -28.66 -1.85 -8.68
C TYR A 162 -28.22 -0.40 -8.85
N GLU A 163 -29.19 0.47 -9.17
CA GLU A 163 -28.89 1.88 -9.42
C GLU A 163 -29.75 2.88 -8.62
N ALA A 164 -30.48 2.40 -7.62
CA ALA A 164 -31.35 3.26 -6.81
C ALA A 164 -30.59 3.94 -5.67
N VAL A 165 -29.40 4.45 -5.99
CA VAL A 165 -28.57 5.14 -5.02
C VAL A 165 -27.65 6.04 -5.81
N ARG A 166 -27.41 7.24 -5.31
CA ARG A 166 -26.60 8.23 -5.99
C ARG A 166 -25.10 8.06 -5.66
N PRO A 167 -24.21 8.41 -6.60
CA PRO A 167 -22.79 8.43 -6.27
C PRO A 167 -22.56 9.57 -5.27
N ASP A 168 -21.62 9.39 -4.34
CA ASP A 168 -21.40 10.38 -3.29
C ASP A 168 -21.07 11.75 -3.86
N GLU A 169 -20.29 11.72 -4.94
CA GLU A 169 -19.85 12.92 -5.64
C GLU A 169 -21.04 13.73 -6.17
N ALA A 170 -22.10 13.05 -6.62
CA ALA A 170 -23.33 13.74 -7.01
C ALA A 170 -23.98 14.47 -5.84
N VAL A 171 -23.88 13.90 -4.65
CA VAL A 171 -24.55 14.44 -3.49
C VAL A 171 -23.69 15.52 -2.83
N TYR A 172 -22.43 15.19 -2.58
CA TYR A 172 -21.56 16.07 -1.80
C TYR A 172 -20.85 17.11 -2.66
N GLY A 173 -20.82 16.89 -3.98
CA GLY A 173 -20.15 17.82 -4.87
C GLY A 173 -18.68 17.51 -4.88
N LYS A 174 -17.88 18.31 -5.59
CA LYS A 174 -16.45 18.00 -5.67
C LYS A 174 -15.54 19.21 -5.46
N GLY A 175 -14.51 19.00 -4.63
CA GLY A 175 -13.47 20.00 -4.42
C GLY A 175 -13.87 21.21 -3.61
N ALA A 176 -13.78 22.37 -4.25
CA ALA A 176 -14.10 23.64 -3.60
C ALA A 176 -15.56 23.68 -3.17
N LYS A 177 -16.42 23.18 -4.05
CA LYS A 177 -17.88 23.24 -3.83
C LYS A 177 -18.42 22.06 -3.00
N ARG A 178 -17.51 21.22 -2.51
CA ARG A 178 -17.88 20.08 -1.68
C ARG A 178 -18.54 20.58 -0.41
N ALA A 179 -19.61 19.92 0.02
CA ALA A 179 -20.44 20.39 1.12
C ALA A 179 -21.46 19.34 1.54
N VAL A 180 -21.76 19.28 2.84
CA VAL A 180 -22.87 18.49 3.35
C VAL A 180 -24.18 19.19 2.97
N PRO A 181 -25.13 18.45 2.38
CA PRO A 181 -26.37 19.12 1.98
C PRO A 181 -27.34 19.19 3.14
N ASP A 182 -28.49 19.81 2.91
CA ASP A 182 -29.47 19.96 3.98
C ASP A 182 -30.01 18.60 4.41
N GLU A 183 -30.50 18.53 5.63
CA GLU A 183 -30.96 17.29 6.23
C GLU A 183 -31.84 16.37 5.36
N PRO A 184 -32.84 16.93 4.65
CA PRO A 184 -33.70 15.99 3.93
C PRO A 184 -32.92 15.25 2.84
N VAL A 185 -32.08 15.98 2.13
CA VAL A 185 -31.27 15.41 1.06
C VAL A 185 -30.23 14.43 1.63
N LEU A 186 -29.57 14.84 2.70
CA LEU A 186 -28.55 14.00 3.35
C LEU A 186 -29.18 12.71 3.86
N ALA A 187 -30.28 12.80 4.55
CA ALA A 187 -30.96 11.66 5.07
C ALA A 187 -31.38 10.68 4.00
N GLU A 188 -31.91 11.17 2.89
CA GLU A 188 -32.34 10.26 1.88
C GLU A 188 -31.16 9.50 1.25
N HIS A 189 -30.06 10.20 1.09
CA HIS A 189 -28.87 9.60 0.63
C HIS A 189 -28.35 8.48 1.53
N LEU A 190 -28.26 8.72 2.83
CA LEU A 190 -27.67 7.69 3.71
C LEU A 190 -28.55 6.46 3.80
N VAL A 191 -29.85 6.69 3.76
CA VAL A 191 -30.82 5.60 3.79
C VAL A 191 -30.77 4.77 2.51
N ARG A 192 -30.62 5.43 1.35
CA ARG A 192 -30.46 4.70 0.09
C ARG A 192 -29.17 3.88 0.08
N LYS A 193 -28.12 4.44 0.68
CA LYS A 193 -26.86 3.69 0.78
C LYS A 193 -27.04 2.47 1.69
N ALA A 194 -27.65 2.67 2.85
CA ALA A 194 -27.99 1.54 3.72
C ALA A 194 -28.84 0.49 3.06
N ALA A 195 -29.90 0.94 2.36
CA ALA A 195 -30.79 0.01 1.67
C ALA A 195 -30.04 -0.76 0.59
N ALA A 196 -29.17 -0.08 -0.14
CA ALA A 196 -28.32 -0.73 -1.14
C ALA A 196 -27.46 -1.82 -0.48
N ILE A 197 -26.76 -1.47 0.61
CA ILE A 197 -25.96 -2.46 1.36
C ILE A 197 -26.82 -3.67 1.78
N TRP A 198 -27.98 -3.40 2.36
CA TRP A 198 -28.94 -4.46 2.73
C TRP A 198 -29.33 -5.39 1.56
N ALA A 199 -29.60 -4.81 0.38
CA ALA A 199 -30.01 -5.59 -0.79
C ALA A 199 -28.84 -6.36 -1.39
N LEU A 200 -27.65 -5.78 -1.29
CA LEU A 200 -26.51 -6.28 -2.07
C LEU A 200 -25.66 -7.34 -1.36
N GLU A 201 -25.77 -7.43 -0.04
CA GLU A 201 -24.99 -8.39 0.72
C GLU A 201 -25.09 -9.82 0.16
N ARG A 202 -26.29 -10.32 -0.12
CA ARG A 202 -26.43 -11.71 -0.57
C ARG A 202 -25.80 -12.00 -1.94
N PRO A 203 -26.06 -11.13 -2.94
CA PRO A 203 -25.38 -11.46 -4.21
C PRO A 203 -23.88 -11.29 -4.17
N PHE A 204 -23.36 -10.33 -3.42
CA PHE A 204 -21.92 -10.24 -3.27
C PHE A 204 -21.29 -11.48 -2.61
N LEU A 205 -21.89 -11.95 -1.50
CA LEU A 205 -21.41 -13.13 -0.80
C LEU A 205 -21.52 -14.36 -1.68
N ASP A 206 -22.62 -14.46 -2.43
CA ASP A 206 -22.82 -15.59 -3.35
C ASP A 206 -21.70 -15.65 -4.42
N GLU A 207 -21.39 -14.52 -5.05
CA GLU A 207 -20.33 -14.51 -6.04
C GLU A 207 -18.94 -14.78 -5.39
N LEU A 208 -18.70 -14.20 -4.23
CA LEU A 208 -17.45 -14.45 -3.49
C LEU A 208 -17.23 -15.96 -3.28
N ARG A 209 -18.31 -16.62 -2.89
CA ARG A 209 -18.32 -18.07 -2.66
C ARG A 209 -18.04 -18.88 -3.92
N ARG A 210 -18.60 -18.46 -5.06
CA ARG A 210 -18.32 -19.13 -6.34
C ARG A 210 -16.88 -18.90 -6.77
N ASN A 211 -16.38 -17.70 -6.50
CA ASN A 211 -14.96 -17.41 -6.65
C ASN A 211 -14.02 -18.09 -5.64
N GLU A 212 -14.56 -18.83 -4.66
CA GLU A 212 -13.78 -19.31 -3.53
C GLU A 212 -13.03 -18.18 -2.82
N GLN A 213 -13.71 -17.05 -2.64
CA GLN A 213 -13.13 -15.89 -1.96
C GLN A 213 -13.90 -15.52 -0.72
N ASP A 214 -14.84 -16.35 -0.30
CA ASP A 214 -15.64 -16.03 0.89
C ASP A 214 -14.78 -15.97 2.17
N ARG A 215 -13.88 -16.94 2.36
CA ARG A 215 -12.96 -16.90 3.49
C ARG A 215 -11.97 -15.74 3.37
N LEU A 216 -11.57 -15.42 2.13
CA LEU A 216 -10.65 -14.31 1.91
C LEU A 216 -11.23 -13.01 2.46
N LEU A 217 -12.52 -12.77 2.18
CA LEU A 217 -13.22 -11.63 2.80
C LEU A 217 -13.38 -11.77 4.33
N VAL A 218 -13.94 -12.89 4.77
CA VAL A 218 -14.41 -13.04 6.15
C VAL A 218 -13.30 -13.28 7.15
N GLU A 219 -12.27 -14.04 6.76
CA GLU A 219 -11.18 -14.40 7.65
C GLU A 219 -9.90 -13.62 7.39
N LEU A 220 -9.80 -12.88 6.29
CA LEU A 220 -8.58 -12.09 6.06
C LEU A 220 -8.81 -10.58 5.98
N GLU A 221 -9.54 -10.10 4.95
CA GLU A 221 -9.67 -8.66 4.72
C GLU A 221 -10.46 -7.94 5.83
N GLN A 222 -11.59 -8.50 6.25
CA GLN A 222 -12.38 -7.86 7.30
C GLN A 222 -11.66 -7.84 8.64
N PRO A 223 -11.12 -8.98 9.11
CA PRO A 223 -10.32 -8.85 10.34
C PRO A 223 -9.12 -7.92 10.16
N LEU A 224 -8.52 -7.90 8.98
CA LEU A 224 -7.38 -6.98 8.78
C LEU A 224 -7.84 -5.53 8.91
N SER A 225 -9.05 -5.25 8.44
CA SER A 225 -9.57 -3.89 8.46
C SER A 225 -9.60 -3.34 9.90
N SER A 226 -9.99 -4.18 10.86
CA SER A 226 -9.96 -3.79 12.29
C SER A 226 -8.54 -3.52 12.76
N ILE A 227 -7.61 -4.37 12.34
CA ILE A 227 -6.21 -4.20 12.73
C ILE A 227 -5.66 -2.87 12.18
N LEU A 228 -6.00 -2.54 10.94
CA LEU A 228 -5.51 -1.30 10.33
C LEU A 228 -6.10 -0.07 11.03
N ALA A 229 -7.36 -0.19 11.46
CA ALA A 229 -8.05 0.90 12.17
C ALA A 229 -7.31 1.21 13.47
N GLU A 230 -6.90 0.17 14.20
CA GLU A 230 -6.10 0.36 15.40
C GLU A 230 -4.75 1.01 15.08
N MET A 231 -4.08 0.51 14.05
CA MET A 231 -2.76 1.06 13.68
C MET A 231 -2.88 2.56 13.36
N GLU A 232 -3.87 2.91 12.52
CA GLU A 232 -4.06 4.30 12.10
C GLU A 232 -4.40 5.18 13.30
N PHE A 233 -5.34 4.71 14.10
CA PHE A 233 -5.75 5.45 15.29
C PHE A 233 -4.58 5.64 16.28
N ALA A 234 -3.76 4.60 16.49
CA ALA A 234 -2.59 4.74 17.37
C ALA A 234 -1.62 5.79 16.83
N GLY A 235 -1.42 5.81 15.51
CA GLY A 235 -0.53 6.80 14.94
C GLY A 235 0.93 6.57 15.26
N VAL A 236 1.81 7.40 14.69
CA VAL A 236 3.24 7.30 14.92
C VAL A 236 3.76 8.63 15.40
N LYS A 237 4.56 8.59 16.48
CA LYS A 237 5.04 9.82 17.11
C LYS A 237 6.19 10.40 16.28
N VAL A 238 6.21 11.73 16.15
CA VAL A 238 7.23 12.42 15.37
C VAL A 238 7.98 13.38 16.27
N ASP A 239 9.31 13.37 16.19
CA ASP A 239 10.15 14.32 16.91
C ASP A 239 10.22 15.59 16.06
N THR A 240 9.29 16.50 16.28
CA THR A 240 9.19 17.63 15.37
C THR A 240 10.38 18.58 15.51
N LYS A 241 10.96 18.67 16.71
CA LYS A 241 12.13 19.54 16.91
C LYS A 241 13.30 19.02 16.09
N ARG A 242 13.50 17.72 16.09
CA ARG A 242 14.48 17.10 15.24
C ARG A 242 14.25 17.35 13.77
N LEU A 243 13.04 17.16 13.28
CA LEU A 243 12.65 17.49 11.92
C LEU A 243 12.94 18.93 11.55
N GLU A 244 12.55 19.85 12.39
CA GLU A 244 12.85 21.24 12.15
C GLU A 244 14.34 21.56 12.05
N GLN A 245 15.14 21.00 12.93
CA GLN A 245 16.60 21.12 12.86
C GLN A 245 17.10 20.61 11.51
N MET A 246 16.58 19.47 11.07
CA MET A 246 17.01 18.92 9.79
C MET A 246 16.61 19.85 8.66
N GLY A 247 15.42 20.43 8.78
CA GLY A 247 14.92 21.39 7.82
C GLY A 247 15.87 22.56 7.64
N GLU A 248 16.41 23.05 8.75
CA GLU A 248 17.31 24.21 8.74
C GLU A 248 18.68 23.91 8.11
N GLU A 249 19.24 22.75 8.43
CA GLU A 249 20.49 22.30 7.80
C GLU A 249 20.26 22.09 6.31
N LEU A 250 19.18 21.42 5.97
CA LEU A 250 18.78 21.24 4.57
C LEU A 250 18.69 22.56 3.82
N ALA A 251 17.98 23.51 4.42
CA ALA A 251 17.80 24.83 3.82
C ALA A 251 19.12 25.52 3.53
N GLU A 252 20.13 25.22 4.33
CA GLU A 252 21.43 25.87 4.18
C GLU A 252 22.18 25.23 3.03
N GLN A 253 22.12 23.90 2.95
CA GLN A 253 22.77 23.17 1.87
C GLN A 253 22.11 23.40 0.53
N LEU A 254 20.79 23.47 0.53
CA LEU A 254 20.04 23.78 -0.68
C LEU A 254 20.50 25.11 -1.23
N ARG A 255 20.65 26.09 -0.35
CA ARG A 255 21.07 27.42 -0.81
C ARG A 255 22.46 27.37 -1.43
N THR A 256 23.35 26.59 -0.83
CA THR A 256 24.71 26.42 -1.37
C THR A 256 24.73 25.72 -2.74
N VAL A 257 23.98 24.62 -2.87
CA VAL A 257 23.94 23.95 -4.17
C VAL A 257 23.27 24.87 -5.19
N GLU A 258 22.19 25.54 -4.77
CA GLU A 258 21.43 26.45 -5.64
C GLU A 258 22.31 27.54 -6.26
N GLN A 259 23.16 28.14 -5.44
CA GLN A 259 24.03 29.18 -5.87
C GLN A 259 25.10 28.62 -6.79
N ARG A 260 25.59 27.42 -6.52
CA ARG A 260 26.56 26.80 -7.42
C ARG A 260 25.95 26.57 -8.80
N ILE A 261 24.70 26.15 -8.84
CA ILE A 261 23.97 25.97 -10.06
C ILE A 261 23.84 27.23 -10.92
N TYR A 262 23.48 28.33 -10.30
CA TYR A 262 23.41 29.62 -10.98
C TYR A 262 24.79 30.03 -11.49
N GLU A 263 25.81 29.78 -10.67
CA GLU A 263 27.19 30.01 -11.06
C GLU A 263 27.52 29.27 -12.34
N LEU A 264 27.40 27.95 -12.30
CA LEU A 264 27.74 27.08 -13.43
C LEU A 264 26.88 27.26 -14.69
N ALA A 265 25.70 27.84 -14.54
CA ALA A 265 24.84 28.10 -15.69
C ALA A 265 25.04 29.53 -16.17
N GLY A 266 25.64 30.34 -15.30
CA GLY A 266 25.88 31.74 -15.59
C GLY A 266 24.62 32.60 -15.57
N GLN A 267 23.58 32.10 -14.89
CA GLN A 267 22.36 32.87 -14.67
C GLN A 267 21.43 32.17 -13.67
N GLU A 268 20.46 32.91 -13.16
CA GLU A 268 19.45 32.33 -12.28
C GLU A 268 18.27 31.81 -13.07
N PHE A 269 17.63 30.76 -12.57
CA PHE A 269 16.45 30.20 -13.20
C PHE A 269 15.76 29.27 -12.22
N ASN A 270 14.54 28.86 -12.54
CA ASN A 270 13.82 27.94 -11.67
C ASN A 270 14.25 26.49 -11.94
N ILE A 271 15.14 25.98 -11.10
CA ILE A 271 15.66 24.63 -11.23
C ILE A 271 14.55 23.58 -11.21
N ASN A 272 13.48 23.89 -10.50
CA ASN A 272 12.33 22.98 -10.34
C ASN A 272 11.33 23.08 -11.46
N SER A 273 11.66 23.87 -12.48
CA SER A 273 10.87 23.95 -13.70
C SER A 273 11.56 23.14 -14.78
N PRO A 274 11.05 21.92 -15.06
CA PRO A 274 11.63 21.10 -16.14
C PRO A 274 11.70 21.86 -17.47
N LYS A 275 10.83 22.84 -17.67
CA LYS A 275 10.89 23.68 -18.87
C LYS A 275 12.11 24.61 -18.88
N GLN A 276 12.31 25.34 -17.79
CA GLN A 276 13.41 26.27 -17.67
C GLN A 276 14.76 25.54 -17.66
N LEU A 277 14.80 24.42 -16.97
CA LEU A 277 15.97 23.64 -16.86
C LEU A 277 16.41 23.09 -18.22
N GLY A 278 15.46 22.59 -18.99
CA GLY A 278 15.72 22.06 -20.31
C GLY A 278 16.37 23.11 -21.20
N VAL A 279 15.91 24.34 -21.10
CA VAL A 279 16.52 25.44 -21.85
C VAL A 279 17.98 25.67 -21.46
N ILE A 280 18.27 25.68 -20.18
CA ILE A 280 19.61 25.86 -19.70
C ILE A 280 20.49 24.70 -20.18
N LEU A 281 20.02 23.49 -20.00
CA LEU A 281 20.83 22.33 -20.31
C LEU A 281 21.06 22.13 -21.76
N PHE A 282 19.98 22.03 -22.51
CA PHE A 282 20.05 21.67 -23.89
C PHE A 282 20.21 22.82 -24.89
N GLU A 283 20.03 24.05 -24.46
CA GLU A 283 20.21 25.20 -25.33
C GLU A 283 21.41 26.04 -24.89
N LYS A 284 21.35 26.62 -23.69
CA LYS A 284 22.47 27.45 -23.23
C LYS A 284 23.81 26.69 -23.10
N LEU A 285 23.78 25.48 -22.55
CA LEU A 285 25.01 24.74 -22.30
C LEU A 285 25.27 23.69 -23.37
N GLN A 286 24.31 23.53 -24.29
CA GLN A 286 24.49 22.65 -25.45
C GLN A 286 24.69 21.18 -25.09
N LEU A 287 24.11 20.73 -23.98
CA LEU A 287 24.31 19.33 -23.60
C LEU A 287 23.59 18.47 -24.64
N PRO A 288 24.11 17.26 -24.91
CA PRO A 288 23.46 16.38 -25.91
C PRO A 288 22.04 16.04 -25.50
N VAL A 289 21.15 15.87 -26.48
CA VAL A 289 19.79 15.43 -26.22
C VAL A 289 19.64 13.92 -26.49
N LEU A 290 19.53 13.15 -25.43
CA LEU A 290 19.45 11.69 -25.53
C LEU A 290 18.01 11.20 -25.39
N LYS A 291 17.19 11.97 -24.66
CA LYS A 291 15.77 11.66 -24.49
C LYS A 291 14.92 12.95 -24.48
N LYS A 292 13.75 12.87 -25.11
CA LYS A 292 12.78 13.97 -25.08
C LYS A 292 11.46 13.53 -24.42
N SER A 293 10.84 14.41 -23.63
CA SER A 293 9.51 14.12 -23.09
C SER A 293 8.47 14.31 -24.19
N LYS A 294 7.20 14.02 -23.86
CA LYS A 294 6.09 14.32 -24.77
C LYS A 294 6.03 15.82 -25.02
N THR A 295 6.46 16.58 -24.00
CA THR A 295 6.30 18.03 -23.99
C THR A 295 7.59 18.84 -24.18
N GLY A 296 8.66 18.21 -24.67
CA GLY A 296 9.93 18.89 -24.86
C GLY A 296 11.16 18.05 -24.51
N TYR A 297 12.07 18.60 -23.71
CA TYR A 297 13.26 17.84 -23.29
C TYR A 297 13.00 17.02 -22.05
N SER A 298 13.50 15.79 -22.03
CA SER A 298 13.52 15.01 -20.80
C SER A 298 14.69 15.43 -19.91
N THR A 299 14.40 15.70 -18.64
CA THR A 299 15.46 15.95 -17.67
C THR A 299 15.33 14.94 -16.55
N SER A 300 14.86 13.75 -16.89
CA SER A 300 14.72 12.70 -15.89
C SER A 300 16.09 12.32 -15.33
N ALA A 301 16.10 11.71 -14.16
CA ALA A 301 17.34 11.43 -13.44
C ALA A 301 18.31 10.48 -14.17
N ASP A 302 17.79 9.57 -14.97
CA ASP A 302 18.68 8.68 -15.73
C ASP A 302 19.26 9.38 -16.95
N VAL A 303 18.50 10.29 -17.53
CA VAL A 303 19.02 11.13 -18.59
C VAL A 303 20.16 12.00 -18.04
N LEU A 304 19.96 12.55 -16.84
CA LEU A 304 20.97 13.42 -16.23
C LEU A 304 22.23 12.67 -15.86
N GLU A 305 22.09 11.46 -15.34
CA GLU A 305 23.25 10.64 -14.99
C GLU A 305 24.22 10.50 -16.17
N LYS A 306 23.65 10.28 -17.33
CA LYS A 306 24.44 10.12 -18.55
C LYS A 306 25.07 11.40 -19.02
N LEU A 307 24.56 12.53 -18.57
CA LEU A 307 25.05 13.79 -19.04
C LEU A 307 26.12 14.31 -18.17
N ALA A 308 26.21 13.73 -17.01
CA ALA A 308 27.13 14.15 -15.98
C ALA A 308 28.57 14.38 -16.43
N PRO A 309 29.13 13.48 -17.20
CA PRO A 309 30.50 13.72 -17.65
C PRO A 309 30.71 14.99 -18.50
N TYR A 310 29.63 15.60 -19.01
CA TYR A 310 29.81 16.76 -19.89
C TYR A 310 29.92 18.09 -19.19
N HIS A 311 29.28 18.19 -18.02
CA HIS A 311 29.24 19.46 -17.34
C HIS A 311 29.01 19.26 -15.85
N GLU A 312 29.73 20.06 -15.07
CA GLU A 312 29.71 20.01 -13.61
C GLU A 312 28.31 20.34 -13.06
N ILE A 313 27.53 21.14 -13.79
CA ILE A 313 26.19 21.50 -13.35
C ILE A 313 25.28 20.29 -13.13
N VAL A 314 25.48 19.22 -13.90
CA VAL A 314 24.51 18.12 -13.86
C VAL A 314 24.44 17.43 -12.48
N GLU A 315 25.60 17.15 -11.88
CA GLU A 315 25.62 16.51 -10.57
C GLU A 315 24.97 17.42 -9.52
N ASN A 316 25.23 18.72 -9.63
CA ASN A 316 24.63 19.70 -8.72
C ASN A 316 23.11 19.75 -8.83
N ILE A 317 22.59 19.65 -10.06
CA ILE A 317 21.14 19.59 -10.27
C ILE A 317 20.54 18.32 -9.65
N LEU A 318 21.21 17.18 -9.82
CA LEU A 318 20.76 15.94 -9.19
C LEU A 318 20.71 16.04 -7.66
N HIS A 319 21.73 16.67 -7.10
CA HIS A 319 21.87 16.81 -5.66
C HIS A 319 20.78 17.77 -5.17
N TYR A 320 20.63 18.89 -5.88
CA TYR A 320 19.61 19.88 -5.56
C TYR A 320 18.22 19.23 -5.54
N ARG A 321 17.99 18.35 -6.50
CA ARG A 321 16.72 17.67 -6.58
C ARG A 321 16.52 16.64 -5.49
N GLN A 322 17.62 16.03 -5.04
CA GLN A 322 17.57 15.10 -3.93
C GLN A 322 17.19 15.85 -2.65
N LEU A 323 17.94 16.90 -2.34
CA LEU A 323 17.71 17.71 -1.15
C LEU A 323 16.34 18.39 -1.17
N GLY A 324 15.95 18.90 -2.33
CA GLY A 324 14.67 19.56 -2.49
C GLY A 324 13.47 18.64 -2.27
N LYS A 325 13.63 17.36 -2.61
CA LYS A 325 12.56 16.41 -2.38
C LYS A 325 12.41 16.15 -0.89
N LEU A 326 13.55 15.99 -0.21
CA LEU A 326 13.54 15.86 1.25
C LEU A 326 12.89 17.07 1.89
N GLN A 327 13.26 18.26 1.43
CA GLN A 327 12.77 19.49 2.03
C GLN A 327 11.27 19.65 1.85
N SER A 328 10.78 19.48 0.63
CA SER A 328 9.40 19.83 0.34
C SER A 328 8.43 18.80 0.92
N THR A 329 8.83 17.55 0.85
CA THR A 329 7.92 16.45 1.12
C THR A 329 8.14 15.81 2.49
N TYR A 330 9.40 15.59 2.86
CA TYR A 330 9.68 14.86 4.10
C TYR A 330 10.02 15.74 5.30
N ILE A 331 10.20 17.03 5.08
CA ILE A 331 10.24 17.95 6.21
C ILE A 331 8.95 18.77 6.21
N GLU A 332 8.82 19.66 5.22
CA GLU A 332 7.69 20.56 5.16
C GLU A 332 6.35 19.83 5.05
N GLY A 333 6.23 18.92 4.08
CA GLY A 333 4.99 18.19 3.91
C GLY A 333 4.63 17.34 5.12
N LEU A 334 5.66 16.77 5.74
CA LEU A 334 5.46 15.91 6.88
C LEU A 334 4.98 16.74 8.09
N LEU A 335 5.66 17.84 8.36
CA LEU A 335 5.28 18.72 9.45
C LEU A 335 3.86 19.25 9.25
N LYS A 336 3.40 19.37 8.01
CA LYS A 336 2.05 19.85 7.73
C LYS A 336 0.97 18.89 8.25
N VAL A 337 1.29 17.60 8.33
CA VAL A 337 0.27 16.62 8.73
C VAL A 337 0.46 16.05 10.16
N VAL A 338 1.48 16.52 10.90
CA VAL A 338 1.63 16.14 12.29
C VAL A 338 0.50 16.83 13.11
N ARG A 339 -0.15 16.08 13.99
CA ARG A 339 -1.13 16.69 14.92
C ARG A 339 -0.39 17.47 15.98
N PRO A 340 -0.71 18.77 16.11
CA PRO A 340 0.07 19.62 17.01
C PRO A 340 -0.14 19.26 18.48
N ASP A 341 -1.23 18.57 18.75
CA ASP A 341 -1.59 18.29 20.12
C ASP A 341 -0.90 17.04 20.63
N THR A 342 -0.63 16.09 19.74
CA THR A 342 -0.02 14.84 20.14
C THR A 342 1.32 14.55 19.48
N LYS A 343 1.71 15.40 18.53
CA LYS A 343 2.95 15.20 17.78
C LYS A 343 2.93 13.86 17.04
N LYS A 344 1.74 13.35 16.75
CA LYS A 344 1.63 12.12 15.98
C LYS A 344 1.15 12.37 14.54
N VAL A 345 1.52 11.47 13.63
CA VAL A 345 0.88 11.40 12.33
C VAL A 345 0.01 10.15 12.26
N HIS A 346 -1.17 10.32 11.67
CA HIS A 346 -2.15 9.25 11.54
C HIS A 346 -2.43 9.00 10.04
N THR A 347 -1.71 8.05 9.46
CA THR A 347 -1.87 7.75 8.05
C THR A 347 -3.24 7.12 7.87
N ILE A 348 -3.66 7.03 6.62
CA ILE A 348 -4.85 6.24 6.29
C ILE A 348 -4.39 5.16 5.32
N PHE A 349 -4.61 3.90 5.68
CA PHE A 349 -4.23 2.82 4.75
C PHE A 349 -5.39 2.55 3.85
N ASN A 350 -5.18 2.70 2.56
CA ASN A 350 -6.21 2.28 1.64
C ASN A 350 -6.07 0.79 1.41
N GLN A 351 -7.05 0.03 1.88
CA GLN A 351 -7.04 -1.41 1.75
C GLN A 351 -7.80 -1.86 0.48
N ALA A 352 -8.43 -0.94 -0.25
CA ALA A 352 -9.24 -1.36 -1.39
C ALA A 352 -8.88 -0.62 -2.67
N LEU A 353 -7.58 -0.54 -2.95
CA LEU A 353 -7.11 0.30 -4.04
C LEU A 353 -6.20 -0.44 -5.03
N THR A 354 -5.18 -1.12 -4.55
CA THR A 354 -4.16 -1.64 -5.48
C THR A 354 -4.65 -2.85 -6.23
N GLN A 355 -4.13 -3.01 -7.43
CA GLN A 355 -4.59 -4.05 -8.32
C GLN A 355 -4.06 -5.42 -7.93
N THR A 356 -3.07 -5.45 -7.05
CA THR A 356 -2.41 -6.69 -6.63
C THR A 356 -2.72 -7.08 -5.18
N GLY A 357 -3.44 -6.24 -4.43
CA GLY A 357 -3.78 -6.58 -3.06
C GLY A 357 -2.85 -6.03 -1.99
N ARG A 358 -1.85 -5.24 -2.39
CA ARG A 358 -1.09 -4.47 -1.41
C ARG A 358 -1.98 -3.39 -0.82
N LEU A 359 -1.57 -2.85 0.32
CA LEU A 359 -2.11 -1.65 0.88
C LEU A 359 -1.46 -0.46 0.20
N SER A 360 -2.10 0.70 0.29
CA SER A 360 -1.43 1.96 0.07
C SER A 360 -1.59 2.83 1.31
N SER A 361 -0.79 3.89 1.39
CA SER A 361 -0.79 4.76 2.56
C SER A 361 -0.79 6.22 2.14
N THR A 362 -1.59 7.05 2.83
CA THR A 362 -1.73 8.49 2.48
C THR A 362 -1.80 9.41 3.69
N GLU A 363 -1.39 10.67 3.48
CA GLU A 363 -1.53 11.75 4.47
C GLU A 363 -1.05 11.47 5.89
N PRO A 364 0.23 11.15 6.07
CA PRO A 364 1.23 11.06 5.02
C PRO A 364 1.34 9.61 4.53
N ASN A 365 1.99 9.44 3.38
CA ASN A 365 2.42 8.13 2.92
C ASN A 365 3.60 7.73 3.80
N LEU A 366 3.42 6.70 4.61
CA LEU A 366 4.49 6.24 5.49
C LEU A 366 5.14 5.01 4.88
N GLN A 367 4.76 4.70 3.65
CA GLN A 367 5.35 3.56 2.95
C GLN A 367 6.43 3.99 1.95
N ASN A 368 6.74 5.28 1.92
CA ASN A 368 7.81 5.75 1.04
C ASN A 368 8.78 6.73 1.72
N ILE A 369 9.04 6.50 3.01
CA ILE A 369 10.02 7.30 3.74
C ILE A 369 11.42 6.92 3.28
N PRO A 370 12.28 7.90 3.04
CA PRO A 370 13.56 7.62 2.41
C PRO A 370 14.44 6.68 3.21
N ILE A 371 15.11 5.77 2.51
CA ILE A 371 16.05 4.86 3.10
C ILE A 371 17.31 4.58 2.28
N ARG A 372 17.18 4.67 0.97
CA ARG A 372 18.25 4.26 0.08
C ARG A 372 19.52 5.08 0.18
N LEU A 373 19.36 6.40 0.21
CA LEU A 373 20.50 7.31 0.39
C LEU A 373 20.56 7.81 1.84
N GLU A 374 21.74 7.71 2.43
CA GLU A 374 21.96 8.04 3.84
C GLU A 374 21.42 9.40 4.30
N GLU A 375 21.63 10.46 3.52
CA GLU A 375 21.09 11.79 3.84
CA GLU A 375 21.09 11.78 3.87
C GLU A 375 19.57 11.74 3.97
N GLY A 376 18.94 10.99 3.08
CA GLY A 376 17.49 10.83 3.13
C GLY A 376 17.05 9.93 4.27
N ARG A 377 17.85 8.90 4.57
CA ARG A 377 17.47 7.92 5.56
C ARG A 377 17.41 8.55 6.94
N LYS A 378 18.20 9.60 7.14
CA LYS A 378 18.19 10.31 8.41
C LYS A 378 16.81 10.87 8.81
N ILE A 379 15.94 11.06 7.83
CA ILE A 379 14.53 11.43 8.08
C ILE A 379 13.89 10.51 9.12
N ARG A 380 14.28 9.24 9.09
CA ARG A 380 13.76 8.22 10.00
C ARG A 380 14.09 8.40 11.47
N GLN A 381 15.08 9.24 11.79
CA GLN A 381 15.43 9.54 13.18
C GLN A 381 14.31 10.33 13.84
N ALA A 382 13.41 10.89 13.04
CA ALA A 382 12.33 11.74 13.53
C ALA A 382 11.08 10.95 13.90
N PHE A 383 11.03 9.68 13.51
CA PHE A 383 9.94 8.77 13.91
C PHE A 383 10.35 8.00 15.15
N VAL A 384 9.67 8.27 16.26
CA VAL A 384 10.12 7.80 17.56
C VAL A 384 8.99 7.03 18.25
N PRO A 385 9.31 6.30 19.34
CA PRO A 385 8.25 5.61 20.08
C PRO A 385 7.31 6.61 20.76
N SER A 386 6.06 6.23 21.00
CA SER A 386 5.09 7.21 21.53
C SER A 386 5.15 7.33 23.05
N GLU A 387 5.90 6.44 23.70
CA GLU A 387 6.06 6.48 25.16
C GLU A 387 7.51 6.36 25.54
N SER A 388 7.87 6.94 26.67
CA SER A 388 9.25 6.84 27.14
C SER A 388 9.58 5.40 27.52
N ASP A 389 10.83 5.03 27.28
CA ASP A 389 11.31 3.67 27.54
C ASP A 389 10.68 2.62 26.63
N TRP A 390 10.13 3.08 25.51
CA TRP A 390 9.69 2.18 24.46
C TRP A 390 10.68 2.25 23.32
N LEU A 391 10.67 1.23 22.46
CA LEU A 391 11.57 1.18 21.33
C LEU A 391 10.76 0.86 20.08
N ILE A 392 11.30 1.19 18.91
CA ILE A 392 10.78 0.78 17.61
C ILE A 392 11.39 -0.57 17.20
N PHE A 393 10.54 -1.50 16.74
CA PHE A 393 10.96 -2.85 16.37
C PHE A 393 10.43 -3.04 14.95
N ALA A 394 11.30 -3.49 14.03
CA ALA A 394 10.91 -3.72 12.64
C ALA A 394 11.35 -5.11 12.19
N ALA A 395 10.44 -5.83 11.57
CA ALA A 395 10.76 -7.14 11.02
C ALA A 395 10.37 -7.17 9.55
N ASP A 396 11.22 -7.76 8.73
CA ASP A 396 10.98 -7.79 7.30
C ASP A 396 11.24 -9.16 6.73
N TYR A 397 10.40 -9.61 5.79
CA TYR A 397 10.73 -10.83 5.05
C TYR A 397 11.96 -10.60 4.20
N SER A 398 12.81 -11.62 4.11
CA SER A 398 13.93 -11.59 3.19
C SER A 398 13.50 -12.27 1.87
N GLN A 399 13.57 -11.51 0.77
CA GLN A 399 13.23 -12.04 -0.58
C GLN A 399 11.89 -12.77 -0.65
N ILE A 400 10.84 -12.19 -0.11
CA ILE A 400 9.58 -12.94 -0.11
C ILE A 400 9.06 -13.21 -1.54
N GLU A 401 9.23 -12.25 -2.46
CA GLU A 401 8.71 -12.45 -3.82
C GLU A 401 9.39 -13.63 -4.53
N LEU A 402 10.71 -13.72 -4.42
CA LEU A 402 11.44 -14.83 -5.07
C LEU A 402 11.16 -16.17 -4.40
N ARG A 403 10.94 -16.17 -3.09
CA ARG A 403 10.59 -17.40 -2.37
C ARG A 403 9.21 -17.88 -2.79
N VAL A 404 8.27 -16.95 -2.89
CA VAL A 404 6.95 -17.22 -3.47
C VAL A 404 7.04 -17.77 -4.91
N LEU A 405 7.86 -17.13 -5.73
CA LEU A 405 8.05 -17.59 -7.11
C LEU A 405 8.59 -19.03 -7.10
N ALA A 406 9.55 -19.31 -6.22
CA ALA A 406 10.10 -20.67 -6.13
C ALA A 406 9.02 -21.67 -5.77
N HIS A 407 8.15 -21.30 -4.85
CA HIS A 407 7.05 -22.17 -4.47
C HIS A 407 6.05 -22.38 -5.62
N ILE A 408 5.56 -21.31 -6.24
CA ILE A 408 4.51 -21.47 -7.26
CA ILE A 408 4.52 -21.42 -7.28
C ILE A 408 5.02 -22.09 -8.56
N ALA A 409 6.26 -21.79 -8.95
CA ALA A 409 6.84 -22.36 -10.17
C ALA A 409 7.33 -23.77 -9.93
N GLU A 410 7.57 -24.09 -8.65
CA GLU A 410 8.27 -25.31 -8.23
C GLU A 410 9.51 -25.48 -9.06
N ASP A 411 10.31 -24.44 -9.16
CA ASP A 411 11.58 -24.57 -9.82
C ASP A 411 12.61 -25.22 -8.88
N ASP A 412 13.12 -26.38 -9.29
CA ASP A 412 14.02 -27.18 -8.45
C ASP A 412 15.25 -26.39 -8.00
N ASN A 413 15.86 -25.70 -8.95
CA ASN A 413 17.10 -24.94 -8.71
C ASN A 413 16.81 -23.78 -7.75
N LEU A 414 15.73 -23.05 -8.02
CA LEU A 414 15.38 -21.91 -7.18
C LEU A 414 14.96 -22.39 -5.77
N MET A 415 14.21 -23.48 -5.69
CA MET A 415 13.81 -24.03 -4.39
C MET A 415 15.02 -24.44 -3.59
N GLU A 416 15.96 -25.12 -4.25
CA GLU A 416 17.20 -25.54 -3.60
C GLU A 416 17.98 -24.32 -3.09
N ALA A 417 18.03 -23.26 -3.89
CA ALA A 417 18.77 -22.08 -3.48
C ALA A 417 18.20 -21.53 -2.16
N PHE A 418 16.87 -21.47 -2.04
CA PHE A 418 16.31 -20.98 -0.80
C PHE A 418 16.43 -21.96 0.38
N ARG A 419 16.42 -23.26 0.08
CA ARG A 419 16.55 -24.28 1.11
C ARG A 419 17.94 -24.20 1.75
N ARG A 420 18.92 -23.79 0.95
CA ARG A 420 20.27 -23.59 1.42
C ARG A 420 20.47 -22.20 1.99
N ASP A 421 19.42 -21.40 1.97
CA ASP A 421 19.49 -19.98 2.35
C ASP A 421 20.68 -19.23 1.71
N LEU A 422 20.87 -19.42 0.41
CA LEU A 422 21.98 -18.77 -0.31
C LEU A 422 21.69 -17.30 -0.56
N ASP A 423 22.72 -16.52 -0.83
CA ASP A 423 22.56 -15.19 -1.41
C ASP A 423 21.99 -15.38 -2.83
N ILE A 424 20.71 -15.04 -3.01
CA ILE A 424 20.01 -15.37 -4.25
C ILE A 424 20.62 -14.65 -5.45
N HIS A 425 21.14 -13.45 -5.24
CA HIS A 425 21.69 -12.70 -6.35
C HIS A 425 23.04 -13.25 -6.84
N THR A 426 23.87 -13.68 -5.90
CA THR A 426 25.17 -14.29 -6.18
C THR A 426 24.94 -15.63 -6.86
N LYS A 427 24.01 -16.42 -6.32
CA LYS A 427 23.67 -17.70 -6.92
C LYS A 427 23.11 -17.54 -8.36
N THR A 428 22.26 -16.53 -8.55
CA THR A 428 21.71 -16.29 -9.89
C THR A 428 22.85 -15.92 -10.86
N ALA A 429 23.83 -15.13 -10.40
CA ALA A 429 25.01 -14.80 -11.21
C ALA A 429 25.86 -16.03 -11.55
N MET A 430 26.03 -16.94 -10.58
CA MET A 430 26.81 -18.15 -10.81
C MET A 430 26.19 -18.95 -11.93
N ASP A 431 24.86 -19.02 -11.93
CA ASP A 431 24.14 -19.80 -12.95
C ASP A 431 24.11 -19.14 -14.33
N ILE A 432 23.82 -17.86 -14.46
CA ILE A 432 23.64 -17.25 -15.71
CA ILE A 432 23.66 -17.13 -15.67
C ILE A 432 25.05 -17.10 -16.24
N PHE A 433 26.11 -16.80 -15.53
CA PHE A 433 27.41 -16.60 -16.10
C PHE A 433 28.26 -17.86 -16.04
N GLN A 434 27.69 -18.91 -15.50
CA GLN A 434 28.36 -20.17 -15.42
C GLN A 434 29.72 -20.08 -14.76
N VAL A 435 29.80 -19.42 -13.62
CA VAL A 435 31.02 -19.31 -12.87
C VAL A 435 30.83 -19.80 -11.43
N SER A 436 31.93 -20.08 -10.75
CA SER A 436 31.92 -20.45 -9.34
C SER A 436 31.67 -19.19 -8.50
N GLU A 437 31.41 -19.37 -7.21
CA GLU A 437 31.09 -18.23 -6.36
C GLU A 437 32.27 -17.26 -6.30
N ASP A 438 33.48 -17.84 -6.27
CA ASP A 438 34.74 -17.12 -6.31
C ASP A 438 34.84 -16.15 -7.48
N GLU A 439 34.24 -16.52 -8.61
CA GLU A 439 34.42 -15.72 -9.82
C GLU A 439 33.32 -14.68 -10.00
N VAL A 440 32.39 -14.56 -9.06
CA VAL A 440 31.36 -13.56 -9.24
C VAL A 440 31.92 -12.19 -8.86
N THR A 441 32.02 -11.30 -9.84
CA THR A 441 32.50 -9.95 -9.58
C THR A 441 31.31 -9.13 -9.06
N PRO A 442 31.58 -7.95 -8.49
CA PRO A 442 30.46 -7.10 -8.10
C PRO A 442 29.54 -6.74 -9.28
N ASN A 443 30.07 -6.49 -10.47
CA ASN A 443 29.22 -6.10 -11.57
C ASN A 443 28.32 -7.26 -12.00
N MET A 444 28.85 -8.48 -11.90
CA MET A 444 28.07 -9.66 -12.24
C MET A 444 26.88 -9.82 -11.29
N ARG A 445 27.12 -9.64 -9.99
CA ARG A 445 26.04 -9.72 -9.02
C ARG A 445 24.99 -8.64 -9.25
N ARG A 446 25.44 -7.42 -9.52
CA ARG A 446 24.55 -6.31 -9.80
C ARG A 446 23.63 -6.63 -10.97
N GLN A 447 24.20 -7.21 -12.03
CA GLN A 447 23.40 -7.53 -13.20
C GLN A 447 22.45 -8.71 -12.96
N ALA A 448 22.89 -9.70 -12.21
CA ALA A 448 22.00 -10.81 -11.85
C ALA A 448 20.82 -10.31 -11.00
N LYS A 449 21.11 -9.40 -10.08
CA LYS A 449 20.09 -8.77 -9.25
C LYS A 449 19.02 -8.11 -10.15
N ALA A 450 19.48 -7.34 -11.13
CA ALA A 450 18.61 -6.67 -12.06
C ALA A 450 17.73 -7.65 -12.86
N VAL A 451 18.26 -8.83 -13.17
CA VAL A 451 17.46 -9.83 -13.87
C VAL A 451 16.42 -10.36 -12.90
N ASN A 452 16.78 -10.50 -11.63
CA ASN A 452 15.82 -11.00 -10.65
C ASN A 452 14.61 -10.07 -10.54
N PHE A 453 14.87 -8.77 -10.52
CA PHE A 453 13.79 -7.77 -10.56
C PHE A 453 12.91 -7.95 -11.80
N GLY A 454 13.55 -8.04 -12.95
CA GLY A 454 12.84 -8.20 -14.20
C GLY A 454 11.97 -9.44 -14.24
N ILE A 455 12.53 -10.54 -13.74
CA ILE A 455 11.81 -11.81 -13.70
C ILE A 455 10.54 -11.64 -12.86
N VAL A 456 10.66 -10.94 -11.72
CA VAL A 456 9.52 -10.67 -10.86
C VAL A 456 8.46 -9.74 -11.49
N TYR A 457 8.91 -8.70 -12.19
CA TYR A 457 7.99 -7.73 -12.80
C TYR A 457 7.36 -8.19 -14.09
N GLY A 458 7.73 -9.39 -14.53
CA GLY A 458 7.33 -9.85 -15.85
C GLY A 458 8.45 -9.45 -16.80
N ILE A 459 9.32 -10.39 -17.12
CA ILE A 459 10.56 -10.08 -17.83
C ILE A 459 10.32 -9.67 -19.29
N SER A 460 11.09 -8.69 -19.76
CA SER A 460 11.07 -8.31 -21.18
C SER A 460 12.43 -7.74 -21.54
N ASP A 461 12.92 -8.10 -22.72
CA ASP A 461 14.24 -7.63 -23.14
C ASP A 461 14.32 -6.10 -23.15
N TYR A 462 13.21 -5.42 -23.40
CA TYR A 462 13.21 -3.96 -23.39
C TYR A 462 13.41 -3.39 -22.00
N GLY A 463 12.63 -3.87 -21.04
CA GLY A 463 12.70 -3.34 -19.69
C GLY A 463 14.05 -3.59 -19.01
N LEU A 464 14.62 -4.75 -19.29
CA LEU A 464 15.90 -5.12 -18.70
C LEU A 464 17.02 -4.31 -19.33
N ALA A 465 16.94 -4.12 -20.65
CA ALA A 465 17.95 -3.35 -21.38
C ALA A 465 18.01 -1.93 -20.86
N GLN A 466 16.84 -1.32 -20.69
CA GLN A 466 16.70 0.03 -20.17
C GLN A 466 17.39 0.10 -18.82
N ASN A 467 17.17 -0.92 -18.01
CA ASN A 467 17.65 -0.92 -16.66
C ASN A 467 19.17 -1.08 -16.54
N LEU A 468 19.73 -1.98 -17.36
CA LEU A 468 21.16 -2.28 -17.28
C LEU A 468 21.98 -1.45 -18.29
N ASN A 469 21.32 -0.50 -18.94
CA ASN A 469 21.92 0.29 -20.02
C ASN A 469 22.62 -0.59 -21.05
N ILE A 470 21.89 -1.53 -21.62
CA ILE A 470 22.45 -2.45 -22.61
C ILE A 470 21.52 -2.58 -23.83
N SER A 471 21.92 -3.34 -24.84
CA SER A 471 21.08 -3.53 -26.03
C SER A 471 20.03 -4.62 -25.80
N ARG A 472 18.95 -4.58 -26.57
CA ARG A 472 17.88 -5.57 -26.47
C ARG A 472 18.42 -6.99 -26.69
N LYS A 473 19.23 -7.18 -27.72
CA LYS A 473 19.84 -8.49 -27.97
C LYS A 473 20.64 -8.97 -26.76
N GLU A 474 21.33 -8.05 -26.10
CA GLU A 474 22.11 -8.40 -24.92
C GLU A 474 21.17 -8.88 -23.82
N ALA A 475 20.16 -8.07 -23.51
CA ALA A 475 19.16 -8.41 -22.50
C ALA A 475 18.51 -9.77 -22.76
N ALA A 476 18.17 -10.04 -24.02
CA ALA A 476 17.56 -11.31 -24.39
C ALA A 476 18.47 -12.51 -24.06
N GLU A 477 19.78 -12.32 -24.23
CA GLU A 477 20.73 -13.36 -23.88
C GLU A 477 20.74 -13.62 -22.37
N PHE A 478 20.56 -12.57 -21.58
CA PHE A 478 20.49 -12.71 -20.13
C PHE A 478 19.29 -13.56 -19.75
N ILE A 479 18.13 -13.15 -20.24
CA ILE A 479 16.86 -13.82 -19.99
C ILE A 479 16.89 -15.27 -20.45
N GLU A 480 17.42 -15.49 -21.66
CA GLU A 480 17.63 -16.84 -22.18
C GLU A 480 18.52 -17.66 -21.23
N ARG A 481 19.61 -17.07 -20.74
CA ARG A 481 20.48 -17.75 -19.79
C ARG A 481 19.74 -18.02 -18.47
N TYR A 482 18.93 -17.05 -18.05
CA TYR A 482 18.18 -17.23 -16.83
C TYR A 482 17.27 -18.45 -16.94
N PHE A 483 16.50 -18.51 -18.04
CA PHE A 483 15.49 -19.55 -18.20
C PHE A 483 16.15 -20.91 -18.39
N GLU A 484 17.38 -20.93 -18.91
CA GLU A 484 18.14 -22.19 -18.98
C GLU A 484 18.48 -22.70 -17.58
N SER A 485 18.77 -21.78 -16.67
CA SER A 485 19.11 -22.15 -15.30
C SER A 485 17.90 -22.40 -14.39
N PHE A 486 16.79 -21.78 -14.73
CA PHE A 486 15.55 -21.90 -13.99
C PHE A 486 14.36 -22.27 -14.90
N PRO A 487 14.43 -23.45 -15.48
CA PRO A 487 13.42 -23.93 -16.42
C PRO A 487 12.00 -23.99 -15.86
N GLY A 488 11.88 -24.34 -14.60
CA GLY A 488 10.65 -24.28 -13.86
C GLY A 488 10.03 -22.91 -13.88
N VAL A 489 10.83 -21.88 -13.67
CA VAL A 489 10.33 -20.51 -13.75
C VAL A 489 9.85 -20.22 -15.18
N LYS A 490 10.59 -20.69 -16.18
CA LYS A 490 10.17 -20.48 -17.55
C LYS A 490 8.82 -21.16 -17.81
N ARG A 491 8.69 -22.43 -17.41
CA ARG A 491 7.42 -23.15 -17.54
C ARG A 491 6.29 -22.40 -16.86
N TYR A 492 6.56 -21.87 -15.67
CA TYR A 492 5.52 -21.12 -14.97
C TYR A 492 5.06 -19.87 -15.75
N MET A 493 6.01 -19.11 -16.27
CA MET A 493 5.69 -17.90 -17.01
C MET A 493 4.81 -18.22 -18.24
N GLU A 494 5.20 -19.26 -18.99
CA GLU A 494 4.40 -19.69 -20.12
C GLU A 494 3.05 -20.16 -19.63
N ASN A 495 3.03 -20.99 -18.59
CA ASN A 495 1.75 -21.56 -18.14
C ASN A 495 0.78 -20.55 -17.57
N ILE A 496 1.30 -19.54 -16.89
CA ILE A 496 0.42 -18.56 -16.23
C ILE A 496 -0.21 -17.65 -17.28
N VAL A 497 0.53 -17.36 -18.35
CA VAL A 497 0.01 -16.55 -19.44
C VAL A 497 -1.08 -17.32 -20.19
N GLN A 498 -0.84 -18.59 -20.45
CA GLN A 498 -1.91 -19.44 -20.99
C GLN A 498 -3.13 -19.48 -20.05
N GLU A 499 -2.89 -19.58 -18.75
CA GLU A 499 -4.01 -19.70 -17.82
C GLU A 499 -4.83 -18.42 -17.83
N ALA A 500 -4.17 -17.28 -17.88
CA ALA A 500 -4.84 -16.02 -17.92
C ALA A 500 -5.70 -15.85 -19.19
N LYS A 501 -5.19 -16.37 -20.29
CA LYS A 501 -5.91 -16.44 -21.51
C LYS A 501 -7.15 -17.33 -21.39
N GLN A 502 -6.96 -18.50 -20.84
CA GLN A 502 -8.01 -19.47 -20.72
C GLN A 502 -9.11 -19.01 -19.76
N LYS A 503 -8.73 -18.56 -18.59
CA LYS A 503 -9.69 -18.27 -17.53
C LYS A 503 -10.20 -16.82 -17.54
N GLY A 504 -9.35 -15.90 -17.98
CA GLY A 504 -9.67 -14.49 -18.00
C GLY A 504 -9.06 -13.70 -16.84
N TYR A 505 -8.43 -14.43 -15.91
CA TYR A 505 -7.82 -13.82 -14.74
C TYR A 505 -6.71 -14.71 -14.21
N VAL A 506 -5.92 -14.16 -13.29
CA VAL A 506 -4.98 -14.95 -12.51
C VAL A 506 -5.29 -14.80 -11.03
N THR A 507 -4.79 -15.71 -10.21
CA THR A 507 -5.07 -15.70 -8.79
C THR A 507 -3.81 -15.81 -7.95
N THR A 508 -3.93 -15.36 -6.70
CA THR A 508 -2.85 -15.52 -5.73
C THR A 508 -3.10 -16.74 -4.85
N LEU A 509 -2.13 -17.03 -4.01
CA LEU A 509 -2.19 -18.09 -3.01
C LEU A 509 -3.50 -18.16 -2.20
N LEU A 510 -3.97 -17.00 -1.74
CA LEU A 510 -5.19 -16.97 -0.94
C LEU A 510 -6.42 -16.56 -1.75
N HIS A 511 -6.36 -16.71 -3.08
CA HIS A 511 -7.54 -16.61 -3.99
C HIS A 511 -7.98 -15.19 -4.31
N ARG A 512 -7.09 -14.24 -4.09
CA ARG A 512 -7.26 -12.91 -4.66
C ARG A 512 -7.17 -13.07 -6.18
N ARG A 513 -7.91 -12.24 -6.90
CA ARG A 513 -8.07 -12.43 -8.32
C ARG A 513 -7.79 -11.12 -9.06
N ARG A 514 -7.20 -11.21 -10.23
CA ARG A 514 -7.08 -10.05 -11.12
C ARG A 514 -7.45 -10.40 -12.56
N TYR A 515 -8.45 -9.71 -13.14
CA TYR A 515 -8.87 -9.99 -14.53
C TYR A 515 -7.95 -9.31 -15.52
N LEU A 516 -7.63 -10.00 -16.61
CA LEU A 516 -6.69 -9.45 -17.58
C LEU A 516 -7.24 -9.54 -19.00
N PRO A 517 -8.25 -8.73 -19.32
CA PRO A 517 -8.84 -8.75 -20.65
C PRO A 517 -7.90 -8.34 -21.79
N ASP A 518 -6.89 -7.54 -21.55
CA ASP A 518 -5.89 -7.21 -22.56
C ASP A 518 -4.95 -8.35 -22.97
N ILE A 519 -5.03 -9.46 -22.29
CA ILE A 519 -4.19 -10.55 -22.65
C ILE A 519 -4.53 -11.09 -24.05
N THR A 520 -5.70 -10.78 -24.57
CA THR A 520 -6.08 -11.23 -25.92
C THR A 520 -5.96 -10.15 -27.00
N SER A 521 -5.46 -8.99 -26.65
CA SER A 521 -5.35 -7.88 -27.56
C SER A 521 -4.41 -8.17 -28.73
N ARG A 522 -4.73 -7.65 -29.89
CA ARG A 522 -3.86 -7.81 -31.03
C ARG A 522 -2.88 -6.65 -31.14
N ASN A 523 -2.87 -5.78 -30.16
CA ASN A 523 -1.86 -4.75 -29.99
C ASN A 523 -0.73 -5.30 -29.13
N PHE A 524 0.47 -5.35 -29.70
CA PHE A 524 1.63 -5.95 -29.05
C PHE A 524 1.95 -5.35 -27.68
N ASN A 525 1.88 -4.04 -27.57
CA ASN A 525 2.25 -3.39 -26.31
C ASN A 525 1.17 -3.57 -25.23
N VAL A 526 -0.09 -3.44 -25.63
CA VAL A 526 -1.18 -3.63 -24.69
C VAL A 526 -1.16 -5.07 -24.17
N ARG A 527 -1.04 -6.02 -25.08
CA ARG A 527 -1.00 -7.43 -24.75
C ARG A 527 0.20 -7.75 -23.86
N SER A 528 1.34 -7.12 -24.14
CA SER A 528 2.56 -7.37 -23.38
C SER A 528 2.47 -6.87 -21.94
N PHE A 529 1.81 -5.72 -21.72
CA PHE A 529 1.59 -5.24 -20.36
C PHE A 529 0.80 -6.30 -19.60
N ALA A 530 -0.24 -6.83 -20.26
CA ALA A 530 -1.12 -7.81 -19.60
C ALA A 530 -0.36 -9.11 -19.32
N GLU A 531 0.54 -9.46 -20.20
CA GLU A 531 1.32 -10.66 -19.99
C GLU A 531 2.25 -10.52 -18.77
N ARG A 532 2.80 -9.36 -18.56
CA ARG A 532 3.62 -9.08 -17.43
C ARG A 532 2.79 -9.10 -16.15
N MET A 533 1.63 -8.51 -16.19
CA MET A 533 0.71 -8.56 -15.10
C MET A 533 0.38 -9.99 -14.72
N ALA A 534 0.18 -10.85 -15.69
CA ALA A 534 -0.17 -12.24 -15.41
C ALA A 534 0.94 -12.95 -14.67
N MET A 535 2.18 -12.59 -15.03
CA MET A 535 3.37 -13.14 -14.42
C MET A 535 3.63 -12.58 -13.01
N ASN A 536 3.57 -11.27 -12.88
CA ASN A 536 3.84 -10.55 -11.62
C ASN A 536 2.74 -10.68 -10.56
N THR A 537 1.47 -10.66 -10.97
CA THR A 537 0.37 -10.51 -10.00
C THR A 537 0.30 -11.65 -8.96
N PRO A 538 0.36 -12.92 -9.39
CA PRO A 538 0.42 -14.00 -8.39
C PRO A 538 1.61 -13.91 -7.44
N ILE A 539 2.70 -13.28 -7.88
CA ILE A 539 3.88 -13.15 -7.04
C ILE A 539 3.67 -12.02 -6.02
N GLN A 540 3.43 -10.81 -6.53
CA GLN A 540 3.30 -9.62 -5.68
C GLN A 540 2.05 -9.79 -4.79
N GLY A 541 0.98 -10.30 -5.37
CA GLY A 541 -0.26 -10.55 -4.66
C GLY A 541 -0.21 -11.65 -3.61
N SER A 542 0.46 -12.77 -3.92
CA SER A 542 0.63 -13.79 -2.90
C SER A 542 1.51 -13.28 -1.77
N ALA A 543 2.50 -12.42 -2.08
CA ALA A 543 3.32 -11.86 -1.00
C ALA A 543 2.45 -10.90 -0.15
N ALA A 544 1.53 -10.20 -0.81
CA ALA A 544 0.64 -9.32 -0.07
C ALA A 544 -0.25 -10.16 0.86
N ASP A 545 -0.73 -11.32 0.37
CA ASP A 545 -1.61 -12.19 1.13
C ASP A 545 -0.92 -12.63 2.42
N ILE A 546 0.33 -13.06 2.28
CA ILE A 546 1.10 -13.66 3.38
C ILE A 546 1.34 -12.68 4.51
N ILE A 547 1.76 -11.46 4.19
CA ILE A 547 1.98 -10.49 5.26
C ILE A 547 0.66 -10.04 5.91
N LYS A 548 -0.43 -10.01 5.15
CA LYS A 548 -1.76 -9.71 5.73
C LYS A 548 -2.17 -10.78 6.75
N LYS A 549 -1.96 -12.04 6.36
CA LYS A 549 -2.21 -13.12 7.29
C LYS A 549 -1.27 -13.07 8.50
N ALA A 550 0.00 -12.75 8.30
CA ALA A 550 0.93 -12.56 9.42
C ALA A 550 0.40 -11.49 10.38
N MET A 551 -0.11 -10.40 9.81
CA MET A 551 -0.60 -9.31 10.65
C MET A 551 -1.74 -9.81 11.55
N ILE A 552 -2.68 -10.53 10.96
CA ILE A 552 -3.78 -11.10 11.72
C ILE A 552 -3.25 -12.06 12.80
N ASP A 553 -2.35 -12.96 12.43
CA ASP A 553 -1.77 -13.89 13.39
C ASP A 553 -1.00 -13.15 14.48
N LEU A 554 -0.26 -12.11 14.09
CA LEU A 554 0.54 -11.37 15.05
C LEU A 554 -0.35 -10.72 16.11
N ASN A 555 -1.38 -10.00 15.65
CA ASN A 555 -2.36 -9.32 16.53
C ASN A 555 -2.95 -10.30 17.55
N ALA A 556 -3.27 -11.51 17.10
CA ALA A 556 -3.85 -12.50 18.01
C ALA A 556 -2.81 -12.97 19.03
N ARG A 557 -1.58 -13.23 18.57
CA ARG A 557 -0.51 -13.62 19.47
C ARG A 557 -0.19 -12.57 20.52
N LEU A 558 -0.12 -11.30 20.09
CA LEU A 558 0.18 -10.18 21.00
C LEU A 558 -0.85 -10.10 22.12
N LYS A 559 -2.10 -10.38 21.76
CA LYS A 559 -3.21 -10.33 22.71
C LYS A 559 -3.15 -11.51 23.69
N GLU A 560 -2.95 -12.71 23.15
CA GLU A 560 -2.79 -13.90 23.97
C GLU A 560 -1.68 -13.72 24.98
N GLU A 561 -0.58 -13.11 24.53
CA GLU A 561 0.60 -12.93 25.38
C GLU A 561 0.47 -11.72 26.29
N ARG A 562 -0.63 -10.97 26.16
CA ARG A 562 -0.84 -9.74 26.93
C ARG A 562 0.33 -8.76 26.80
N LEU A 563 0.95 -8.69 25.63
CA LEU A 563 2.08 -7.77 25.43
C LEU A 563 1.50 -6.40 25.19
N GLN A 564 2.23 -5.35 25.54
CA GLN A 564 1.78 -3.99 25.24
C GLN A 564 2.25 -3.52 23.85
N ALA A 565 3.12 -4.30 23.22
CA ALA A 565 3.61 -4.01 21.87
C ALA A 565 2.45 -3.73 20.90
N ARG A 566 2.62 -2.74 20.03
CA ARG A 566 1.60 -2.55 18.99
C ARG A 566 2.12 -2.33 17.59
N LEU A 567 1.37 -2.88 16.65
CA LEU A 567 1.63 -2.65 15.24
C LEU A 567 1.40 -1.19 14.96
N LEU A 568 2.35 -0.57 14.26
CA LEU A 568 2.19 0.81 13.81
C LEU A 568 2.10 0.91 12.27
N LEU A 569 2.94 0.16 11.54
CA LEU A 569 2.95 0.28 10.10
C LEU A 569 3.20 -1.06 9.43
N GLN A 570 2.73 -1.18 8.18
CA GLN A 570 3.13 -2.25 7.28
C GLN A 570 3.72 -1.55 6.06
N VAL A 571 4.88 -1.99 5.58
CA VAL A 571 5.46 -1.46 4.33
C VAL A 571 5.73 -2.60 3.30
N HIS A 572 4.65 -3.24 2.87
CA HIS A 572 4.61 -4.27 1.83
C HIS A 572 5.21 -5.62 2.24
N ASP A 573 6.45 -5.63 2.73
CA ASP A 573 7.06 -6.87 3.19
C ASP A 573 7.65 -6.75 4.59
N GLU A 574 7.28 -5.68 5.27
CA GLU A 574 7.79 -5.48 6.61
C GLU A 574 6.76 -4.89 7.56
N LEU A 575 6.89 -5.25 8.83
CA LEU A 575 6.03 -4.76 9.89
C LEU A 575 6.84 -3.94 10.89
N ILE A 576 6.30 -2.79 11.27
CA ILE A 576 6.95 -1.91 12.22
CA ILE A 576 6.96 -1.94 12.24
C ILE A 576 6.06 -1.82 13.46
N LEU A 577 6.65 -2.07 14.63
CA LEU A 577 5.95 -2.02 15.92
C LEU A 577 6.67 -1.08 16.90
N GLU A 578 5.97 -0.66 17.96
CA GLU A 578 6.62 -0.02 19.10
C GLU A 578 6.22 -0.82 20.33
N ALA A 579 7.11 -0.87 21.32
CA ALA A 579 6.90 -1.70 22.50
C ALA A 579 7.85 -1.25 23.60
N PRO A 580 7.50 -1.55 24.87
CA PRO A 580 8.37 -1.31 26.01
C PRO A 580 9.72 -1.97 25.76
N LYS A 581 10.80 -1.33 26.20
CA LYS A 581 12.12 -1.95 26.02
C LYS A 581 12.15 -3.35 26.65
N GLU A 582 11.37 -3.55 27.72
CA GLU A 582 11.26 -4.85 28.38
C GLU A 582 10.63 -5.98 27.57
N GLU A 583 9.99 -5.65 26.45
CA GLU A 583 9.38 -6.69 25.62
C GLU A 583 10.23 -7.05 24.40
N MET A 584 11.35 -6.36 24.20
CA MET A 584 12.19 -6.58 23.01
C MET A 584 12.63 -8.04 22.84
N GLU A 585 13.14 -8.65 23.91
CA GLU A 585 13.68 -10.01 23.78
C GLU A 585 12.57 -10.96 23.35
N ARG A 586 11.39 -10.83 23.97
CA ARG A 586 10.24 -11.63 23.57
C ARG A 586 9.82 -11.37 22.12
N LEU A 587 9.76 -10.10 21.70
CA LEU A 587 9.35 -9.81 20.32
C LEU A 587 10.34 -10.37 19.31
N CYS A 588 11.62 -10.40 19.71
CA CYS A 588 12.67 -10.93 18.82
C CYS A 588 12.43 -12.37 18.46
N ARG A 589 11.77 -13.12 19.34
CA ARG A 589 11.46 -14.50 19.04
C ARG A 589 10.08 -14.64 18.46
N LEU A 590 9.17 -13.78 18.91
CA LEU A 590 7.77 -13.91 18.55
CA LEU A 590 7.77 -13.92 18.55
C LEU A 590 7.44 -13.40 17.14
N VAL A 591 7.82 -12.17 16.84
CA VAL A 591 7.43 -11.57 15.57
C VAL A 591 7.96 -12.38 14.35
N PRO A 592 9.27 -12.74 14.33
CA PRO A 592 9.76 -13.53 13.18
C PRO A 592 9.06 -14.87 13.06
N GLU A 593 8.83 -15.55 14.17
CA GLU A 593 8.16 -16.85 14.10
C GLU A 593 6.75 -16.77 13.51
N VAL A 594 5.95 -15.81 14.00
CA VAL A 594 4.63 -15.58 13.44
C VAL A 594 4.64 -15.27 11.96
N MET A 595 5.53 -14.36 11.55
CA MET A 595 5.63 -14.01 10.14
C MET A 595 6.11 -15.21 9.32
N GLU A 596 7.03 -16.00 9.87
CA GLU A 596 7.59 -17.11 9.12
C GLU A 596 6.59 -18.23 8.98
N GLN A 597 5.69 -18.35 9.94
CA GLN A 597 4.75 -19.45 9.92
C GLN A 597 3.37 -19.08 9.41
N ALA A 598 3.22 -17.86 8.89
CA ALA A 598 1.91 -17.41 8.37
C ALA A 598 1.32 -18.35 7.32
N VAL A 599 2.16 -18.81 6.40
CA VAL A 599 1.76 -19.83 5.44
C VAL A 599 2.89 -20.82 5.35
N THR A 600 2.59 -22.02 4.87
CA THR A 600 3.65 -23.01 4.63
C THR A 600 3.83 -23.18 3.13
N LEU A 601 5.05 -22.87 2.66
CA LEU A 601 5.43 -22.98 1.27
C LEU A 601 6.43 -24.12 1.09
N ARG A 602 6.75 -24.44 -0.15
CA ARG A 602 7.76 -25.46 -0.46
C ARG A 602 9.17 -25.03 -0.06
N VAL A 603 9.34 -23.74 0.24
CA VAL A 603 10.61 -23.23 0.74
C VAL A 603 10.35 -22.51 2.05
N PRO A 604 11.36 -22.38 2.92
CA PRO A 604 11.16 -21.63 4.16
C PRO A 604 10.93 -20.17 3.86
N LEU A 605 10.18 -19.49 4.71
CA LEU A 605 10.17 -18.04 4.75
C LEU A 605 11.21 -17.65 5.79
N LYS A 606 11.83 -16.50 5.59
CA LYS A 606 12.86 -16.01 6.48
C LYS A 606 12.54 -14.55 6.78
N VAL A 607 12.64 -14.20 8.06
CA VAL A 607 12.34 -12.85 8.53
C VAL A 607 13.53 -12.32 9.32
N ASP A 608 14.04 -11.16 8.92
CA ASP A 608 15.08 -10.46 9.70
C ASP A 608 14.44 -9.40 10.55
N TYR A 609 15.11 -8.98 11.62
CA TYR A 609 14.50 -8.02 12.54
C TYR A 609 15.56 -7.16 13.21
N HIS A 610 15.15 -5.98 13.64
CA HIS A 610 16.05 -5.06 14.30
C HIS A 610 15.19 -4.18 15.19
N TYR A 611 15.82 -3.57 16.18
CA TYR A 611 15.11 -2.60 16.97
C TYR A 611 16.05 -1.49 17.41
N GLY A 612 15.46 -0.38 17.87
CA GLY A 612 16.23 0.79 18.27
C GLY A 612 15.38 1.93 18.81
N SER A 613 16.03 3.03 19.16
CA SER A 613 15.36 4.16 19.80
CA SER A 613 15.34 4.15 19.80
C SER A 613 14.53 4.98 18.83
N THR A 614 14.81 4.84 17.54
CA THR A 614 14.06 5.51 16.50
C THR A 614 13.92 4.54 15.34
N TRP A 615 13.03 4.85 14.40
CA TRP A 615 12.86 4.07 13.18
C TRP A 615 14.20 3.93 12.44
N TYR A 616 14.95 5.03 12.38
CA TYR A 616 16.27 5.00 11.78
C TYR A 616 17.12 3.90 12.42
N ASP A 617 17.08 3.80 13.75
CA ASP A 617 17.95 2.85 14.44
C ASP A 617 17.50 1.40 14.30
N ALA A 618 16.25 1.20 13.92
CA ALA A 618 15.75 -0.17 13.80
C ALA A 618 16.26 -0.75 12.49
N LYS A 619 17.59 -0.90 12.43
CA LYS A 619 18.34 -1.33 11.26
C LYS A 619 19.56 -2.16 11.68
#